data_2IPK
#
_entry.id   2IPK
#
_cell.length_a   171.980
_cell.length_b   171.980
_cell.length_c   121.129
_cell.angle_alpha   90.000
_cell.angle_beta   90.000
_cell.angle_gamma   120.000
#
_symmetry.space_group_name_H-M   'H 3'
#
loop_
_entity.id
_entity.type
_entity.pdbx_description
1 polymer 'HLA class II histocompatibility antigen, DR alpha chain'
2 polymer 'HLA class II histocompatibility antigen, DRB1-1 beta chain'
3 polymer 'HA related Fluorogenic Peptide, AcPKXVKQNTLKLAT (X=3-[5-(dimethylamino)-1,3-dioxo-1,3-dihydro-2H-isoindol-2-yl]-L-alanine)'
4 polymer 'Enterotoxin type C-3'
5 water water
#
loop_
_entity_poly.entity_id
_entity_poly.type
_entity_poly.pdbx_seq_one_letter_code
_entity_poly.pdbx_strand_id
1 'polypeptide(L)'
;MIKEEHVIIQAEFYLNPDQSGEFMFDFDGDEIFHVDMAKKETVWRLEEFGRFASFEAQGALANIAVDKANLEIMTKRSNY
TPITNVPPEVTVLTNSPVELREPNVLICFIDKFTPPVVNVTWLRNGKPVTTGVSETVFLPREDHLFRKFHYLPFLPSTED
VYDCRVEHWGLDEPLLKHWEFDA
;
A
2 'polypeptide(L)'
;GDTRPRFLWQLKFECHFFNGTERVRLLERCIYNQEESVRFDSDVGEYRAVTELGRPDAEYWNSQKDLLEQRRAAVDTYCR
HNYGVGESFTVQRRVEPKVTVYPSKTQPLQHHNLLVCSVSGFYPGSIEVRWFRNGQEEKAGVVSTGLIQNGDWTFQTLVM
LETVPRSGEVYTCQVEHPSVTSPLTVEWRA
;
B
3 'polypeptide(L)' (ACE)PK(4DP)VKQNTLKLAT C
4 'polypeptide(L)'
;MESQPDPMPDDLHKSSEFTGTMGNMKYLYDDHYVSATKVKSVDSFFKWDLIYNISDKKLKNYDKVKTELLNEDLAKKYKD
EVVDVYGSNYYVNCYFSSKDNVGKVTGGKTCMYGGITKHEGNHFDNGNLQNVLVRVYENKRNTISFEVQTDKKSVTAQEL
DIKARNFLINKKNLYEFNSSPYETGYIKFIENNGNTFWYDMMPAPGDKFDQSKYLMMYNDNKTVDSKSVKIEVHLTTKNG
;
D
#
# COMPACT_ATOMS: atom_id res chain seq x y z
N GLU A 4 19.89 -21.34 9.19
CA GLU A 4 18.59 -20.59 9.25
C GLU A 4 17.59 -21.22 8.31
N GLU A 5 16.31 -20.90 8.49
CA GLU A 5 15.26 -21.45 7.64
C GLU A 5 14.30 -20.41 7.08
N HIS A 6 13.70 -19.59 7.95
CA HIS A 6 12.76 -18.59 7.45
C HIS A 6 12.86 -17.22 8.09
N VAL A 7 12.50 -16.20 7.33
CA VAL A 7 12.55 -14.83 7.81
C VAL A 7 11.28 -14.07 7.44
N ILE A 8 10.67 -13.42 8.44
CA ILE A 8 9.50 -12.59 8.17
C ILE A 8 9.93 -11.15 8.51
N ILE A 9 9.69 -10.22 7.60
CA ILE A 9 10.06 -8.84 7.82
C ILE A 9 8.92 -7.87 7.68
N GLN A 10 8.80 -6.98 8.67
CA GLN A 10 7.81 -5.93 8.61
C GLN A 10 8.73 -4.75 8.19
N ALA A 11 8.54 -4.22 7.00
CA ALA A 11 9.39 -3.14 6.56
C ALA A 11 8.58 -1.92 6.19
N GLU A 12 9.06 -0.77 6.64
CA GLU A 12 8.39 0.48 6.35
C GLU A 12 9.40 1.60 6.09
N PHE A 13 8.95 2.66 5.43
CA PHE A 13 9.81 3.80 5.18
C PHE A 13 9.00 5.04 4.87
N TYR A 14 9.66 6.18 5.06
CA TYR A 14 9.07 7.46 4.72
C TYR A 14 10.20 8.23 4.03
N LEU A 15 9.88 8.89 2.93
CA LEU A 15 10.86 9.64 2.18
C LEU A 15 10.48 11.10 1.94
N ASN A 16 11.38 12.01 2.28
CA ASN A 16 11.17 13.44 2.04
C ASN A 16 12.11 13.81 0.89
N PRO A 17 11.75 14.83 0.10
CA PRO A 17 10.52 15.63 0.23
C PRO A 17 9.39 14.97 -0.59
N ASP A 18 9.58 13.76 -1.11
CA ASP A 18 8.52 13.15 -1.90
C ASP A 18 7.26 12.82 -1.11
N GLN A 19 7.42 12.72 0.20
CA GLN A 19 6.28 12.39 1.05
C GLN A 19 5.75 11.00 0.70
N SER A 20 6.62 10.10 0.28
CA SER A 20 6.13 8.78 -0.04
C SER A 20 6.42 7.89 1.16
N GLY A 21 5.45 7.02 1.46
CA GLY A 21 5.59 6.13 2.60
C GLY A 21 5.13 4.73 2.20
N GLU A 22 5.65 3.74 2.91
CA GLU A 22 5.30 2.37 2.59
C GLU A 22 5.34 1.51 3.84
N PHE A 23 4.49 0.49 3.85
CA PHE A 23 4.41 -0.44 4.95
C PHE A 23 4.07 -1.80 4.34
N MET A 24 4.93 -2.79 4.56
CA MET A 24 4.71 -4.11 4.01
C MET A 24 5.34 -5.24 4.82
N PHE A 25 4.86 -6.45 4.57
CA PHE A 25 5.37 -7.65 5.23
C PHE A 25 5.98 -8.50 4.14
N ASP A 26 7.09 -9.13 4.47
CA ASP A 26 7.85 -9.94 3.55
C ASP A 26 8.17 -11.30 4.17
N PHE A 27 8.04 -12.36 3.39
CA PHE A 27 8.35 -13.72 3.85
C PHE A 27 9.39 -14.30 2.90
N ASP A 28 10.58 -14.56 3.42
CA ASP A 28 11.65 -15.11 2.62
C ASP A 28 11.87 -14.36 1.30
N GLY A 29 11.78 -13.04 1.34
CA GLY A 29 11.99 -12.26 0.13
C GLY A 29 10.76 -11.96 -0.69
N ASP A 30 9.65 -12.65 -0.45
CA ASP A 30 8.42 -12.40 -1.20
C ASP A 30 7.42 -11.59 -0.38
N GLU A 31 6.76 -10.64 -1.04
CA GLU A 31 5.77 -9.81 -0.37
C GLU A 31 4.49 -10.55 0.01
N ILE A 32 4.06 -10.38 1.26
CA ILE A 32 2.82 -11.00 1.71
C ILE A 32 1.73 -9.97 1.43
N PHE A 33 1.97 -8.73 1.86
CA PHE A 33 1.02 -7.67 1.63
C PHE A 33 1.67 -6.34 1.91
N HIS A 34 0.99 -5.27 1.47
CA HIS A 34 1.44 -3.92 1.78
C HIS A 34 0.15 -3.14 2.06
N VAL A 35 0.27 -1.95 2.62
CA VAL A 35 -0.92 -1.16 2.91
C VAL A 35 -1.05 0.04 1.98
N ASP A 36 -2.22 0.17 1.36
CA ASP A 36 -2.46 1.31 0.48
C ASP A 36 -2.72 2.47 1.43
N MET A 37 -1.80 3.43 1.49
CA MET A 37 -1.91 4.58 2.38
C MET A 37 -3.08 5.50 2.06
N ALA A 38 -3.49 5.54 0.80
CA ALA A 38 -4.58 6.41 0.41
C ALA A 38 -5.94 5.77 0.67
N LYS A 39 -6.08 4.48 0.37
CA LYS A 39 -7.36 3.82 0.60
C LYS A 39 -7.45 3.26 2.02
N LYS A 40 -6.31 3.23 2.71
CA LYS A 40 -6.27 2.71 4.07
C LYS A 40 -6.74 1.26 4.12
N GLU A 41 -6.18 0.43 3.26
CA GLU A 41 -6.55 -0.97 3.28
C GLU A 41 -5.38 -1.85 2.89
N THR A 42 -5.48 -3.10 3.31
CA THR A 42 -4.46 -4.09 3.05
C THR A 42 -4.54 -4.61 1.62
N VAL A 43 -3.42 -4.71 0.94
CA VAL A 43 -3.37 -5.22 -0.42
C VAL A 43 -2.50 -6.46 -0.40
N TRP A 44 -3.11 -7.63 -0.57
CA TRP A 44 -2.39 -8.89 -0.55
C TRP A 44 -1.66 -9.13 -1.85
N ARG A 45 -0.48 -9.75 -1.78
CA ARG A 45 0.30 -9.99 -2.99
C ARG A 45 -0.43 -10.97 -3.91
N LEU A 46 -1.00 -12.01 -3.31
CA LEU A 46 -1.77 -13.01 -4.04
C LEU A 46 -3.17 -12.97 -3.44
N GLU A 47 -4.19 -13.02 -4.28
CA GLU A 47 -5.59 -12.99 -3.83
C GLU A 47 -5.90 -14.02 -2.73
N GLU A 48 -5.38 -15.22 -2.87
CA GLU A 48 -5.61 -16.29 -1.90
C GLU A 48 -5.28 -15.92 -0.45
N PHE A 49 -4.18 -15.19 -0.25
CA PHE A 49 -3.76 -14.78 1.09
C PHE A 49 -4.86 -14.09 1.88
N GLY A 50 -5.59 -13.20 1.23
CA GLY A 50 -6.66 -12.48 1.89
C GLY A 50 -7.82 -13.35 2.36
N ARG A 51 -7.80 -14.63 2.01
CA ARG A 51 -8.86 -15.54 2.44
C ARG A 51 -8.41 -16.36 3.64
N PHE A 52 -7.10 -16.41 3.87
CA PHE A 52 -6.56 -17.19 4.97
C PHE A 52 -6.07 -16.34 6.15
N ALA A 53 -5.93 -15.04 5.94
CA ALA A 53 -5.45 -14.15 7.00
C ALA A 53 -5.98 -12.74 6.85
N SER A 54 -5.77 -11.93 7.87
CA SER A 54 -6.22 -10.55 7.82
C SER A 54 -5.19 -9.65 8.48
N PHE A 55 -5.38 -8.34 8.33
CA PHE A 55 -4.49 -7.35 8.90
C PHE A 55 -5.20 -6.02 9.09
N GLU A 56 -4.95 -5.38 10.22
CA GLU A 56 -5.55 -4.09 10.55
C GLU A 56 -4.76 -2.97 9.86
N ALA A 57 -5.16 -2.65 8.63
CA ALA A 57 -4.47 -1.61 7.85
C ALA A 57 -4.29 -0.24 8.52
N GLN A 58 -5.33 0.24 9.20
CA GLN A 58 -5.25 1.54 9.86
C GLN A 58 -4.07 1.59 10.83
N GLY A 59 -3.62 0.43 11.29
CA GLY A 59 -2.48 0.39 12.21
C GLY A 59 -1.17 0.75 11.53
N ALA A 60 -1.07 0.50 10.24
CA ALA A 60 0.15 0.84 9.52
C ALA A 60 0.26 2.36 9.47
N LEU A 61 -0.88 3.03 9.35
CA LEU A 61 -0.86 4.48 9.29
C LEU A 61 -0.29 5.11 10.56
N ALA A 62 -0.57 4.51 11.71
CA ALA A 62 -0.04 5.04 12.97
C ALA A 62 1.49 5.01 12.92
N ASN A 63 2.04 3.90 12.44
CA ASN A 63 3.48 3.74 12.34
C ASN A 63 4.13 4.74 11.38
N ILE A 64 3.47 4.96 10.23
CA ILE A 64 3.99 5.88 9.23
C ILE A 64 4.08 7.31 9.75
N ALA A 65 3.15 7.68 10.61
CA ALA A 65 3.17 9.02 11.17
C ALA A 65 4.39 9.12 12.09
N VAL A 66 4.63 8.09 12.90
CA VAL A 66 5.78 8.12 13.77
C VAL A 66 7.06 8.10 12.90
N ASP A 67 7.03 7.31 11.83
CA ASP A 67 8.20 7.25 10.95
C ASP A 67 8.55 8.62 10.37
N LYS A 68 7.55 9.37 9.93
CA LYS A 68 7.82 10.67 9.37
C LYS A 68 8.41 11.59 10.44
N ALA A 69 7.82 11.58 11.63
CA ALA A 69 8.33 12.41 12.72
C ALA A 69 9.78 12.04 12.99
N ASN A 70 10.08 10.76 13.02
CA ASN A 70 11.45 10.35 13.26
C ASN A 70 12.36 10.74 12.09
N LEU A 71 11.84 10.68 10.87
CA LEU A 71 12.70 11.06 9.74
C LEU A 71 13.18 12.49 9.92
N GLU A 72 12.28 13.38 10.31
CA GLU A 72 12.64 14.77 10.50
C GLU A 72 13.61 15.02 11.65
N ILE A 73 13.48 14.25 12.72
CA ILE A 73 14.41 14.34 13.84
C ILE A 73 15.79 13.91 13.35
N MET A 74 15.86 12.81 12.61
CA MET A 74 17.14 12.31 12.11
C MET A 74 17.77 13.21 11.05
N THR A 75 16.94 13.77 10.19
CA THR A 75 17.40 14.66 9.15
C THR A 75 18.15 15.82 9.85
N LYS A 76 17.49 16.43 10.82
CA LYS A 76 18.08 17.54 11.56
C LYS A 76 19.35 17.11 12.32
N ARG A 77 19.29 15.96 12.98
CA ARG A 77 20.43 15.46 13.73
C ARG A 77 21.67 15.17 12.87
N SER A 78 21.47 14.88 11.59
CA SER A 78 22.59 14.61 10.69
C SER A 78 23.05 15.89 9.97
N ASN A 79 22.50 17.03 10.36
CA ASN A 79 22.81 18.29 9.71
C ASN A 79 22.40 18.21 8.25
N TYR A 80 21.22 17.66 8.05
CA TYR A 80 20.65 17.55 6.72
C TYR A 80 21.53 16.89 5.68
N THR A 81 22.07 15.73 6.04
CA THR A 81 22.90 14.97 5.13
C THR A 81 21.88 14.23 4.23
N PRO A 82 21.88 14.53 2.92
CA PRO A 82 20.95 13.90 1.96
C PRO A 82 21.46 12.51 1.61
N ILE A 83 20.56 11.68 1.08
CA ILE A 83 20.93 10.34 0.68
C ILE A 83 21.75 10.37 -0.62
N THR A 84 22.62 9.40 -0.78
CA THR A 84 23.41 9.28 -1.99
C THR A 84 22.64 8.36 -2.95
N ASN A 85 22.33 8.86 -4.14
CA ASN A 85 21.61 8.05 -5.11
C ASN A 85 22.44 6.83 -5.52
N VAL A 86 21.79 5.68 -5.62
CA VAL A 86 22.45 4.46 -6.08
C VAL A 86 21.57 3.93 -7.20
N PRO A 87 22.07 3.95 -8.44
CA PRO A 87 21.37 3.49 -9.65
C PRO A 87 21.10 1.99 -9.57
N PRO A 88 19.96 1.55 -10.11
CA PRO A 88 19.55 0.14 -10.09
C PRO A 88 20.21 -0.67 -11.21
N GLU A 89 20.32 -1.98 -10.95
CA GLU A 89 20.81 -2.91 -11.94
C GLU A 89 19.45 -3.33 -12.49
N VAL A 90 19.33 -3.35 -13.82
CA VAL A 90 18.07 -3.72 -14.44
C VAL A 90 18.24 -4.96 -15.29
N THR A 91 17.29 -5.88 -15.18
CA THR A 91 17.33 -7.12 -15.91
C THR A 91 15.94 -7.48 -16.44
N VAL A 92 15.88 -7.91 -17.69
CA VAL A 92 14.61 -8.31 -18.28
C VAL A 92 14.65 -9.80 -18.56
N LEU A 93 13.63 -10.50 -18.10
CA LEU A 93 13.51 -11.94 -18.29
C LEU A 93 12.06 -12.36 -18.43
N THR A 94 11.85 -13.60 -18.83
CA THR A 94 10.51 -14.15 -18.96
C THR A 94 10.33 -15.04 -17.73
N ASN A 95 9.10 -15.27 -17.32
CA ASN A 95 8.91 -16.14 -16.16
C ASN A 95 8.84 -17.62 -16.56
N SER A 96 9.36 -17.94 -17.75
CA SER A 96 9.37 -19.31 -18.24
C SER A 96 9.96 -19.34 -19.65
N PRO A 97 10.56 -20.47 -20.06
CA PRO A 97 11.15 -20.58 -21.40
C PRO A 97 10.15 -20.09 -22.44
N VAL A 98 10.59 -19.18 -23.28
CA VAL A 98 9.75 -18.60 -24.32
C VAL A 98 9.52 -19.55 -25.50
N GLU A 99 8.27 -19.57 -25.97
CA GLU A 99 7.87 -20.41 -27.10
C GLU A 99 6.98 -19.54 -28.00
N LEU A 100 7.25 -19.53 -29.29
CA LEU A 100 6.47 -18.72 -30.23
C LEU A 100 4.96 -18.91 -30.09
N ARG A 101 4.25 -17.80 -29.97
CA ARG A 101 2.80 -17.75 -29.84
C ARG A 101 2.21 -18.35 -28.56
N GLU A 102 3.07 -18.74 -27.62
CA GLU A 102 2.60 -19.27 -26.36
C GLU A 102 2.71 -18.16 -25.30
N PRO A 103 1.59 -17.82 -24.65
CA PRO A 103 1.52 -16.76 -23.63
C PRO A 103 2.65 -16.91 -22.61
N ASN A 104 3.23 -15.76 -22.25
CA ASN A 104 4.33 -15.70 -21.29
C ASN A 104 4.30 -14.35 -20.60
N VAL A 105 5.29 -14.08 -19.75
CA VAL A 105 5.33 -12.81 -19.04
C VAL A 105 6.74 -12.22 -18.98
N LEU A 106 6.85 -10.96 -19.38
CA LEU A 106 8.14 -10.29 -19.33
C LEU A 106 8.26 -9.68 -17.94
N ILE A 107 9.40 -9.91 -17.32
CA ILE A 107 9.66 -9.40 -15.99
C ILE A 107 10.82 -8.43 -16.04
N CYS A 108 10.58 -7.23 -15.54
CA CYS A 108 11.64 -6.23 -15.47
C CYS A 108 12.04 -6.17 -14.01
N PHE A 109 13.22 -6.71 -13.71
CA PHE A 109 13.73 -6.72 -12.34
C PHE A 109 14.62 -5.50 -12.11
N ILE A 110 14.16 -4.61 -11.23
CA ILE A 110 14.91 -3.40 -10.89
C ILE A 110 15.47 -3.63 -9.50
N ASP A 111 16.79 -3.78 -9.43
CA ASP A 111 17.44 -4.12 -8.18
C ASP A 111 18.55 -3.20 -7.68
N LYS A 112 18.87 -3.35 -6.39
CA LYS A 112 19.94 -2.63 -5.71
C LYS A 112 19.96 -1.10 -5.87
N PHE A 113 18.86 -0.44 -5.57
CA PHE A 113 18.84 1.01 -5.73
C PHE A 113 18.24 1.74 -4.55
N THR A 114 18.47 3.05 -4.51
CA THR A 114 17.92 3.93 -3.49
C THR A 114 18.17 5.37 -3.98
N PRO A 115 17.28 6.31 -3.64
CA PRO A 115 16.05 6.22 -2.84
C PRO A 115 14.99 5.44 -3.62
N PRO A 116 13.91 5.00 -2.95
CA PRO A 116 12.81 4.22 -3.54
C PRO A 116 11.83 5.10 -4.36
N VAL A 117 12.31 5.58 -5.50
CA VAL A 117 11.49 6.36 -6.43
C VAL A 117 12.01 5.99 -7.80
N VAL A 118 11.16 5.42 -8.63
CA VAL A 118 11.61 5.02 -9.95
C VAL A 118 10.48 5.16 -10.96
N ASN A 119 10.84 5.42 -12.20
CA ASN A 119 9.85 5.55 -13.26
C ASN A 119 10.13 4.45 -14.27
N VAL A 120 9.17 3.56 -14.44
CA VAL A 120 9.33 2.43 -15.33
C VAL A 120 8.30 2.44 -16.46
N THR A 121 8.75 2.16 -17.67
CA THR A 121 7.85 2.11 -18.82
C THR A 121 8.22 0.94 -19.71
N TRP A 122 7.21 0.25 -20.23
CA TRP A 122 7.43 -0.87 -21.13
C TRP A 122 7.26 -0.34 -22.56
N LEU A 123 8.15 -0.76 -23.46
CA LEU A 123 8.09 -0.33 -24.85
C LEU A 123 8.04 -1.51 -25.80
N ARG A 124 7.05 -1.48 -26.70
CA ARG A 124 6.87 -2.51 -27.71
C ARG A 124 7.17 -1.84 -29.04
N ASN A 125 8.30 -2.20 -29.64
CA ASN A 125 8.72 -1.62 -30.91
C ASN A 125 8.83 -0.10 -30.75
N GLY A 126 9.42 0.33 -29.63
CA GLY A 126 9.61 1.73 -29.37
C GLY A 126 8.37 2.49 -28.92
N LYS A 127 7.27 1.79 -28.72
CA LYS A 127 6.03 2.43 -28.29
C LYS A 127 5.57 1.96 -26.91
N PRO A 128 5.10 2.90 -26.07
CA PRO A 128 4.61 2.67 -24.71
C PRO A 128 3.50 1.64 -24.69
N VAL A 129 3.55 0.75 -23.71
CA VAL A 129 2.55 -0.31 -23.52
C VAL A 129 1.95 -0.19 -22.14
N THR A 130 0.62 -0.12 -22.07
CA THR A 130 -0.09 0.00 -20.79
C THR A 130 -1.10 -1.12 -20.62
N THR A 131 -1.06 -2.10 -21.52
CA THR A 131 -2.00 -3.21 -21.49
C THR A 131 -1.64 -4.37 -20.58
N GLY A 132 -2.39 -4.51 -19.50
CA GLY A 132 -2.17 -5.61 -18.57
C GLY A 132 -0.92 -5.58 -17.72
N VAL A 133 -0.14 -4.51 -17.79
CA VAL A 133 1.07 -4.43 -16.98
C VAL A 133 0.73 -4.29 -15.50
N SER A 134 1.63 -4.76 -14.65
CA SER A 134 1.44 -4.64 -13.21
C SER A 134 2.82 -4.45 -12.58
N GLU A 135 2.84 -4.11 -11.30
CA GLU A 135 4.10 -3.86 -10.61
C GLU A 135 3.95 -4.09 -9.11
N THR A 136 5.07 -4.34 -8.46
CA THR A 136 5.08 -4.53 -7.03
C THR A 136 5.50 -3.21 -6.40
N VAL A 137 5.43 -3.15 -5.08
CA VAL A 137 5.86 -1.97 -4.35
C VAL A 137 7.37 -2.15 -4.16
N PHE A 138 7.99 -1.28 -3.37
CA PHE A 138 9.42 -1.38 -3.15
C PHE A 138 9.71 -2.45 -2.11
N LEU A 139 10.63 -3.35 -2.41
CA LEU A 139 10.96 -4.43 -1.49
C LEU A 139 12.30 -4.17 -0.81
N PRO A 140 12.41 -4.54 0.47
CA PRO A 140 13.62 -4.36 1.28
C PRO A 140 14.73 -5.30 0.85
N ARG A 141 15.96 -4.90 1.13
CA ARG A 141 17.14 -5.69 0.83
C ARG A 141 17.99 -5.61 2.08
N GLU A 142 18.76 -6.66 2.32
CA GLU A 142 19.64 -6.72 3.49
C GLU A 142 20.60 -5.52 3.55
N ASP A 143 21.05 -5.00 2.41
CA ASP A 143 21.95 -3.84 2.41
C ASP A 143 21.19 -2.52 2.50
N HIS A 144 19.88 -2.62 2.67
CA HIS A 144 19.01 -1.44 2.80
C HIS A 144 18.69 -0.66 1.53
N LEU A 145 19.04 -1.24 0.39
CA LEU A 145 18.72 -0.67 -0.90
C LEU A 145 17.36 -1.33 -1.21
N PHE A 146 16.83 -1.12 -2.41
CA PHE A 146 15.52 -1.69 -2.75
C PHE A 146 15.47 -2.54 -4.01
N ARG A 147 14.38 -3.28 -4.16
CA ARG A 147 14.13 -4.13 -5.34
C ARG A 147 12.72 -3.78 -5.79
N LYS A 148 12.37 -4.13 -7.01
CA LYS A 148 11.04 -3.85 -7.51
C LYS A 148 10.83 -4.68 -8.77
N PHE A 149 9.60 -5.15 -8.98
CA PHE A 149 9.30 -5.92 -10.17
C PHE A 149 8.19 -5.29 -10.99
N HIS A 150 8.37 -5.27 -12.31
CA HIS A 150 7.34 -4.76 -13.21
C HIS A 150 7.05 -5.92 -14.14
N TYR A 151 5.77 -6.10 -14.47
CA TYR A 151 5.37 -7.22 -15.30
C TYR A 151 4.59 -6.84 -16.55
N LEU A 152 4.85 -7.59 -17.63
CA LEU A 152 4.16 -7.37 -18.90
C LEU A 152 3.77 -8.69 -19.56
N PRO A 153 2.47 -9.04 -19.50
CA PRO A 153 2.05 -10.29 -20.15
C PRO A 153 2.13 -10.09 -21.66
N PHE A 154 2.69 -11.05 -22.38
CA PHE A 154 2.82 -10.91 -23.82
C PHE A 154 2.74 -12.22 -24.61
N LEU A 155 2.60 -12.08 -25.92
CA LEU A 155 2.53 -13.20 -26.84
C LEU A 155 3.81 -13.08 -27.66
N PRO A 156 4.73 -14.04 -27.51
CA PRO A 156 6.01 -14.06 -28.23
C PRO A 156 5.81 -14.17 -29.75
N SER A 157 6.74 -13.55 -30.48
CA SER A 157 6.75 -13.54 -31.94
C SER A 157 8.03 -12.84 -32.38
N THR A 158 8.61 -13.29 -33.49
CA THR A 158 9.85 -12.70 -33.99
C THR A 158 9.62 -11.28 -34.51
N GLU A 159 8.34 -10.91 -34.62
CA GLU A 159 7.96 -9.60 -35.13
C GLU A 159 8.10 -8.47 -34.10
N ASP A 160 7.97 -8.80 -32.82
CA ASP A 160 8.06 -7.81 -31.76
C ASP A 160 9.36 -7.75 -30.95
N VAL A 161 9.72 -6.53 -30.56
CA VAL A 161 10.91 -6.28 -29.74
C VAL A 161 10.46 -5.44 -28.55
N TYR A 162 11.03 -5.69 -27.38
CA TYR A 162 10.63 -4.94 -26.19
C TYR A 162 11.76 -4.24 -25.48
N ASP A 163 11.38 -3.25 -24.68
CA ASP A 163 12.34 -2.48 -23.89
C ASP A 163 11.70 -2.12 -22.55
N CYS A 164 12.48 -2.21 -21.49
CA CYS A 164 12.02 -1.80 -20.16
C CYS A 164 12.80 -0.49 -19.95
N ARG A 165 12.08 0.63 -19.90
CA ARG A 165 12.72 1.93 -19.72
C ARG A 165 12.66 2.38 -18.26
N VAL A 166 13.83 2.47 -17.63
CA VAL A 166 13.93 2.83 -16.23
C VAL A 166 14.60 4.18 -15.97
N GLU A 167 13.95 5.02 -15.17
CA GLU A 167 14.49 6.33 -14.81
C GLU A 167 14.68 6.39 -13.31
N HIS A 168 15.84 6.90 -12.89
CA HIS A 168 16.18 7.01 -11.49
C HIS A 168 17.23 8.09 -11.38
N TRP A 169 17.17 8.87 -10.30
CA TRP A 169 18.10 9.97 -10.10
C TRP A 169 19.56 9.55 -10.10
N GLY A 170 19.81 8.27 -9.86
CA GLY A 170 21.18 7.78 -9.86
C GLY A 170 21.67 7.52 -11.27
N LEU A 171 20.76 7.60 -12.23
CA LEU A 171 21.10 7.39 -13.64
C LEU A 171 21.16 8.72 -14.37
N ASP A 172 22.21 8.91 -15.15
CA ASP A 172 22.37 10.15 -15.90
C ASP A 172 21.36 10.21 -17.05
N GLU A 173 21.01 9.05 -17.59
CA GLU A 173 20.06 8.94 -18.69
C GLU A 173 19.12 7.76 -18.45
N PRO A 174 17.94 7.78 -19.07
CA PRO A 174 17.02 6.66 -18.87
C PRO A 174 17.72 5.38 -19.33
N LEU A 175 17.49 4.28 -18.64
CA LEU A 175 18.13 3.04 -19.03
C LEU A 175 17.12 2.16 -19.76
N LEU A 176 17.52 1.61 -20.91
CA LEU A 176 16.63 0.75 -21.68
C LEU A 176 17.17 -0.65 -21.78
N LYS A 177 16.45 -1.59 -21.20
CA LYS A 177 16.86 -2.99 -21.26
C LYS A 177 16.01 -3.64 -22.34
N HIS A 178 16.68 -4.05 -23.40
CA HIS A 178 16.02 -4.64 -24.55
C HIS A 178 15.80 -6.14 -24.45
N TRP A 179 14.74 -6.59 -25.09
CA TRP A 179 14.41 -8.00 -25.13
C TRP A 179 13.73 -8.32 -26.46
N GLU A 180 14.11 -9.44 -27.05
CA GLU A 180 13.52 -9.88 -28.31
C GLU A 180 13.67 -11.39 -28.40
N PHE A 181 12.73 -12.03 -29.10
CA PHE A 181 12.77 -13.48 -29.26
C PHE A 181 14.18 -13.90 -29.70
N ASP A 182 14.84 -14.70 -28.86
CA ASP A 182 16.20 -15.19 -29.08
C ASP A 182 17.24 -14.27 -28.41
N GLY B 1 15.38 19.43 -13.49
CA GLY B 1 13.97 19.41 -13.01
C GLY B 1 13.88 19.38 -11.49
N ASP B 2 13.82 18.17 -10.93
CA ASP B 2 13.74 18.01 -9.49
C ASP B 2 15.10 17.54 -8.99
N THR B 3 15.85 18.46 -8.39
CA THR B 3 17.18 18.15 -7.88
C THR B 3 17.26 18.24 -6.35
N ARG B 4 16.14 18.48 -5.69
CA ARG B 4 16.16 18.58 -4.23
C ARG B 4 16.75 17.33 -3.61
N PRO B 5 17.47 17.48 -2.52
CA PRO B 5 18.08 16.35 -1.83
C PRO B 5 16.95 15.53 -1.16
N ARG B 6 17.13 14.21 -1.08
CA ARG B 6 16.15 13.33 -0.45
C ARG B 6 16.69 12.86 0.89
N PHE B 7 15.76 12.52 1.79
CA PHE B 7 16.09 12.06 3.13
C PHE B 7 15.20 10.84 3.38
N LEU B 8 15.80 9.72 3.72
CA LEU B 8 15.07 8.48 3.89
C LEU B 8 15.20 7.85 5.26
N TRP B 9 14.08 7.33 5.75
CA TRP B 9 14.03 6.66 7.03
C TRP B 9 13.31 5.34 6.83
N GLN B 10 13.93 4.26 7.30
CA GLN B 10 13.39 2.93 7.20
C GLN B 10 13.39 2.26 8.56
N LEU B 11 12.38 1.43 8.81
CA LEU B 11 12.28 0.69 10.05
C LEU B 11 11.98 -0.73 9.63
N LYS B 12 12.77 -1.68 10.13
CA LYS B 12 12.59 -3.07 9.79
C LYS B 12 12.57 -3.95 11.03
N PHE B 13 11.58 -4.83 11.11
CA PHE B 13 11.48 -5.77 12.19
C PHE B 13 11.64 -7.09 11.50
N GLU B 14 12.76 -7.77 11.76
CA GLU B 14 13.02 -9.05 11.14
C GLU B 14 12.91 -10.17 12.16
N CYS B 15 12.06 -11.14 11.85
CA CYS B 15 11.87 -12.31 12.70
C CYS B 15 12.56 -13.47 12.00
N HIS B 16 13.60 -14.01 12.63
CA HIS B 16 14.37 -15.12 12.09
C HIS B 16 13.97 -16.42 12.78
N PHE B 17 13.53 -17.39 11.99
CA PHE B 17 13.08 -18.67 12.51
C PHE B 17 14.01 -19.83 12.18
N PHE B 18 14.40 -20.57 13.22
CA PHE B 18 15.28 -21.72 13.05
C PHE B 18 14.54 -22.96 13.56
N ASN B 19 14.47 -23.98 12.70
CA ASN B 19 13.78 -25.21 13.06
C ASN B 19 12.38 -24.79 13.47
N GLY B 20 11.75 -24.01 12.60
CA GLY B 20 10.41 -23.52 12.89
C GLY B 20 10.42 -22.56 14.05
N THR B 21 9.50 -22.77 14.97
CA THR B 21 9.36 -21.95 16.17
C THR B 21 10.38 -22.32 17.26
N GLU B 22 11.18 -23.35 17.03
CA GLU B 22 12.13 -23.78 18.05
C GLU B 22 13.01 -22.64 18.57
N ARG B 23 13.74 -22.01 17.66
CA ARG B 23 14.62 -20.91 18.03
C ARG B 23 14.16 -19.70 17.21
N VAL B 24 13.97 -18.58 17.89
CA VAL B 24 13.53 -17.36 17.21
C VAL B 24 14.39 -16.16 17.61
N ARG B 25 14.74 -15.34 16.63
CA ARG B 25 15.52 -14.15 16.89
C ARG B 25 14.82 -12.94 16.27
N LEU B 26 14.60 -11.90 17.07
CA LEU B 26 13.98 -10.67 16.59
C LEU B 26 15.06 -9.60 16.39
N LEU B 27 15.02 -8.94 15.24
CA LEU B 27 15.99 -7.89 14.95
C LEU B 27 15.26 -6.64 14.50
N GLU B 28 15.27 -5.60 15.33
CA GLU B 28 14.63 -4.33 15.01
C GLU B 28 15.70 -3.36 14.52
N ARG B 29 15.56 -2.84 13.32
CA ARG B 29 16.57 -1.93 12.76
C ARG B 29 16.05 -0.61 12.22
N CYS B 30 16.75 0.46 12.54
CA CYS B 30 16.41 1.80 12.08
C CYS B 30 17.50 2.22 11.10
N ILE B 31 17.11 2.64 9.91
CA ILE B 31 18.08 3.05 8.92
C ILE B 31 17.81 4.45 8.41
N TYR B 32 18.84 5.29 8.49
CA TYR B 32 18.72 6.65 8.01
C TYR B 32 19.47 6.62 6.68
N ASN B 33 18.81 7.05 5.62
CA ASN B 33 19.37 7.03 4.26
C ASN B 33 19.87 5.62 3.95
N GLN B 34 21.18 5.36 4.01
CA GLN B 34 21.62 3.99 3.76
C GLN B 34 22.39 3.40 4.93
N GLU B 35 22.34 4.07 6.07
CA GLU B 35 23.07 3.59 7.23
C GLU B 35 22.22 3.22 8.44
N GLU B 36 22.40 1.99 8.91
CA GLU B 36 21.70 1.52 10.09
C GLU B 36 22.29 2.30 11.27
N SER B 37 21.45 2.96 12.05
CA SER B 37 21.95 3.75 13.17
C SER B 37 21.71 3.12 14.54
N VAL B 38 20.66 2.33 14.68
CA VAL B 38 20.35 1.70 15.95
C VAL B 38 19.52 0.44 15.74
N ARG B 39 19.69 -0.54 16.63
CA ARG B 39 18.98 -1.80 16.52
C ARG B 39 18.69 -2.49 17.85
N PHE B 40 17.67 -3.34 17.84
CA PHE B 40 17.34 -4.14 19.01
C PHE B 40 17.44 -5.57 18.56
N ASP B 41 18.38 -6.29 19.15
CA ASP B 41 18.62 -7.69 18.85
C ASP B 41 18.11 -8.46 20.07
N SER B 42 17.13 -9.35 19.87
CA SER B 42 16.60 -10.11 20.99
C SER B 42 17.68 -10.98 21.65
N ASP B 43 18.77 -11.24 20.93
CA ASP B 43 19.87 -12.03 21.47
C ASP B 43 20.69 -11.20 22.44
N VAL B 44 20.53 -9.88 22.36
CA VAL B 44 21.26 -8.97 23.25
C VAL B 44 20.33 -8.52 24.36
N GLY B 45 19.07 -8.27 24.01
CA GLY B 45 18.11 -7.87 25.01
C GLY B 45 17.95 -6.39 25.21
N GLU B 46 18.67 -5.58 24.44
CA GLU B 46 18.54 -4.13 24.56
C GLU B 46 18.98 -3.43 23.28
N TYR B 47 18.60 -2.16 23.15
CA TYR B 47 18.99 -1.39 21.98
C TYR B 47 20.47 -1.09 22.05
N ARG B 48 21.09 -1.06 20.87
CA ARG B 48 22.50 -0.77 20.74
C ARG B 48 22.65 0.12 19.52
N ALA B 49 23.43 1.19 19.67
CA ALA B 49 23.66 2.12 18.57
C ALA B 49 24.59 1.44 17.58
N VAL B 50 24.31 1.57 16.30
CA VAL B 50 25.16 0.96 15.28
C VAL B 50 26.13 2.04 14.81
N THR B 51 25.70 3.29 14.94
CA THR B 51 26.54 4.41 14.58
C THR B 51 26.29 5.52 15.57
N GLU B 52 27.17 6.51 15.53
CA GLU B 52 27.12 7.66 16.42
C GLU B 52 25.73 8.29 16.42
N LEU B 53 25.15 8.35 15.23
CA LEU B 53 23.84 8.94 15.02
C LEU B 53 22.73 8.27 15.84
N GLY B 54 22.88 6.99 16.16
CA GLY B 54 21.85 6.31 16.92
C GLY B 54 22.03 6.30 18.43
N ARG B 55 23.14 6.83 18.92
CA ARG B 55 23.38 6.80 20.36
C ARG B 55 22.28 7.42 21.23
N PRO B 56 21.80 8.62 20.89
CA PRO B 56 20.76 9.22 21.71
C PRO B 56 19.54 8.29 21.83
N ASP B 57 19.17 7.62 20.74
CA ASP B 57 17.99 6.74 20.77
C ASP B 57 18.19 5.45 21.56
N ALA B 58 19.34 4.83 21.40
CA ALA B 58 19.61 3.61 22.14
C ALA B 58 19.55 3.94 23.63
N GLU B 59 20.14 5.07 24.01
CA GLU B 59 20.14 5.48 25.41
C GLU B 59 18.73 5.75 25.90
N TYR B 60 18.00 6.55 25.13
CA TYR B 60 16.64 6.92 25.48
C TYR B 60 15.69 5.73 25.56
N TRP B 61 15.72 4.85 24.56
CA TRP B 61 14.82 3.70 24.57
C TRP B 61 15.15 2.70 25.68
N ASN B 62 16.44 2.55 25.97
CA ASN B 62 16.85 1.62 27.02
C ASN B 62 16.42 2.10 28.42
N SER B 63 16.07 3.37 28.53
CA SER B 63 15.65 3.92 29.82
C SER B 63 14.15 3.70 30.01
N GLN B 64 13.50 3.08 29.04
CA GLN B 64 12.07 2.82 29.11
C GLN B 64 11.85 1.32 29.32
N LYS B 65 11.77 0.91 30.58
CA LYS B 65 11.59 -0.49 30.94
C LYS B 65 10.35 -1.18 30.36
N ASP B 66 9.25 -0.46 30.26
CA ASP B 66 8.04 -1.04 29.69
C ASP B 66 8.35 -1.45 28.25
N LEU B 67 8.98 -0.54 27.53
CA LEU B 67 9.37 -0.76 26.14
C LEU B 67 10.24 -2.01 25.99
N LEU B 68 11.31 -2.11 26.79
CA LEU B 68 12.19 -3.26 26.73
C LEU B 68 11.46 -4.55 27.07
N GLU B 69 10.57 -4.49 28.05
CA GLU B 69 9.82 -5.68 28.43
C GLU B 69 8.96 -6.13 27.24
N GLN B 70 8.38 -5.16 26.55
CA GLN B 70 7.54 -5.43 25.39
C GLN B 70 8.42 -6.02 24.27
N ARG B 71 9.52 -5.36 23.99
CA ARG B 71 10.41 -5.84 22.93
C ARG B 71 10.95 -7.24 23.22
N ARG B 72 11.27 -7.51 24.48
CA ARG B 72 11.81 -8.82 24.83
C ARG B 72 10.76 -9.93 24.67
N ALA B 73 9.49 -9.60 24.84
CA ALA B 73 8.44 -10.60 24.71
C ALA B 73 7.95 -10.76 23.27
N ALA B 74 8.41 -9.88 22.39
CA ALA B 74 7.99 -9.90 20.99
C ALA B 74 8.34 -11.17 20.22
N VAL B 75 9.42 -11.84 20.61
CA VAL B 75 9.78 -13.07 19.90
C VAL B 75 8.61 -14.05 20.01
N ASP B 76 7.79 -13.89 21.05
CA ASP B 76 6.63 -14.74 21.23
C ASP B 76 5.35 -14.10 20.69
N THR B 77 4.98 -12.93 21.22
CA THR B 77 3.74 -12.25 20.84
C THR B 77 3.70 -11.68 19.42
N TYR B 78 4.87 -11.50 18.83
CA TYR B 78 4.94 -10.95 17.50
C TYR B 78 5.46 -11.99 16.51
N CYS B 79 6.72 -12.37 16.66
CA CYS B 79 7.33 -13.35 15.76
C CYS B 79 6.65 -14.72 15.73
N ARG B 80 6.61 -15.43 16.85
CA ARG B 80 5.98 -16.74 16.87
C ARG B 80 4.51 -16.61 16.51
N HIS B 81 3.90 -15.51 16.88
CA HIS B 81 2.50 -15.34 16.54
C HIS B 81 2.31 -15.25 15.02
N ASN B 82 3.04 -14.36 14.36
CA ASN B 82 2.88 -14.20 12.92
C ASN B 82 3.30 -15.43 12.14
N TYR B 83 4.24 -16.18 12.67
CA TYR B 83 4.66 -17.40 12.02
C TYR B 83 3.48 -18.36 12.00
N GLY B 84 2.73 -18.39 13.10
CA GLY B 84 1.57 -19.27 13.17
C GLY B 84 0.46 -18.84 12.23
N VAL B 85 0.29 -17.53 12.06
CA VAL B 85 -0.75 -17.02 11.19
C VAL B 85 -0.52 -17.41 9.73
N GLY B 86 0.71 -17.34 9.26
CA GLY B 86 0.95 -17.65 7.87
C GLY B 86 1.50 -18.99 7.45
N GLU B 87 1.94 -19.79 8.41
CA GLU B 87 2.53 -21.08 8.08
C GLU B 87 1.80 -21.93 7.03
N SER B 88 0.48 -21.99 7.09
CA SER B 88 -0.26 -22.82 6.14
C SER B 88 -0.09 -22.44 4.66
N PHE B 89 0.23 -21.19 4.38
CA PHE B 89 0.40 -20.74 3.00
C PHE B 89 1.71 -20.03 2.68
N THR B 90 2.68 -20.17 3.58
CA THR B 90 3.99 -19.58 3.39
C THR B 90 5.00 -20.71 3.56
N VAL B 91 5.16 -21.13 4.80
CA VAL B 91 6.07 -22.21 5.15
C VAL B 91 5.67 -23.49 4.45
N GLN B 92 4.38 -23.69 4.27
CA GLN B 92 3.86 -24.90 3.65
C GLN B 92 3.32 -24.73 2.23
N ARG B 93 3.66 -23.63 1.57
CA ARG B 93 3.21 -23.40 0.21
C ARG B 93 4.04 -24.29 -0.71
N ARG B 94 3.35 -25.00 -1.60
CA ARG B 94 4.03 -25.90 -2.50
C ARG B 94 3.53 -25.76 -3.92
N VAL B 95 4.47 -25.53 -4.84
CA VAL B 95 4.12 -25.44 -6.25
C VAL B 95 5.23 -26.20 -6.96
N GLU B 96 4.84 -27.26 -7.65
CA GLU B 96 5.78 -28.13 -8.37
C GLU B 96 6.39 -27.41 -9.56
N PRO B 97 7.68 -27.63 -9.80
CA PRO B 97 8.44 -27.01 -10.90
C PRO B 97 8.15 -27.70 -12.24
N LYS B 98 8.17 -26.90 -13.32
CA LYS B 98 8.00 -27.43 -14.66
C LYS B 98 9.44 -27.68 -15.09
N VAL B 99 9.74 -28.88 -15.57
CA VAL B 99 11.10 -29.23 -15.99
C VAL B 99 11.20 -29.64 -17.47
N THR B 100 12.17 -29.08 -18.19
CA THR B 100 12.38 -29.45 -19.58
C THR B 100 13.86 -29.44 -19.92
N VAL B 101 14.24 -30.32 -20.83
CA VAL B 101 15.62 -30.42 -21.27
C VAL B 101 15.72 -30.19 -22.76
N TYR B 102 16.63 -29.30 -23.15
CA TYR B 102 16.83 -28.99 -24.55
C TYR B 102 18.23 -28.44 -24.77
N PRO B 103 18.75 -28.53 -26.00
CA PRO B 103 20.09 -28.03 -26.30
C PRO B 103 20.07 -26.51 -26.26
N SER B 104 21.19 -25.92 -25.81
CA SER B 104 21.30 -24.48 -25.74
C SER B 104 21.25 -23.85 -27.13
N LYS B 105 20.53 -22.74 -27.25
CA LYS B 105 20.42 -22.05 -28.52
C LYS B 105 21.80 -21.55 -28.94
N THR B 106 22.75 -21.68 -28.02
CA THR B 106 24.12 -21.26 -28.26
C THR B 106 25.06 -22.44 -28.00
N GLN B 107 25.81 -22.83 -29.02
CA GLN B 107 26.76 -23.93 -28.91
C GLN B 107 28.14 -23.39 -29.29
N PRO B 108 28.84 -22.78 -28.34
CA PRO B 108 30.17 -22.19 -28.56
C PRO B 108 31.28 -23.24 -28.39
N LEU B 109 31.19 -24.36 -29.10
CA LEU B 109 32.21 -25.40 -29.00
C LEU B 109 32.22 -26.41 -30.14
N GLN B 110 33.29 -27.19 -30.21
CA GLN B 110 33.45 -28.21 -31.25
C GLN B 110 32.99 -29.57 -30.74
N HIS B 111 32.19 -30.26 -31.53
CA HIS B 111 31.67 -31.59 -31.16
C HIS B 111 31.15 -31.60 -29.73
N HIS B 112 30.82 -30.41 -29.21
CA HIS B 112 30.32 -30.27 -27.86
C HIS B 112 28.86 -29.83 -27.86
N ASN B 113 28.05 -30.50 -27.04
CA ASN B 113 26.63 -30.18 -26.93
C ASN B 113 26.29 -29.65 -25.54
N LEU B 114 26.03 -28.34 -25.46
CA LEU B 114 25.67 -27.70 -24.19
C LEU B 114 24.19 -27.95 -23.94
N LEU B 115 23.88 -28.69 -22.87
CA LEU B 115 22.51 -29.01 -22.51
C LEU B 115 21.95 -28.06 -21.45
N VAL B 116 20.67 -27.76 -21.56
CA VAL B 116 19.99 -26.87 -20.63
C VAL B 116 18.90 -27.59 -19.87
N CYS B 117 18.89 -27.46 -18.55
CA CYS B 117 17.83 -28.04 -17.75
C CYS B 117 17.10 -26.85 -17.18
N SER B 118 15.94 -26.55 -17.76
CA SER B 118 15.14 -25.42 -17.31
C SER B 118 14.17 -25.89 -16.22
N VAL B 119 14.18 -25.21 -15.08
CA VAL B 119 13.30 -25.55 -13.95
C VAL B 119 12.57 -24.27 -13.56
N SER B 120 11.27 -24.20 -13.81
CA SER B 120 10.54 -22.97 -13.51
C SER B 120 9.20 -23.07 -12.80
N GLY B 121 8.70 -21.92 -12.38
CA GLY B 121 7.41 -21.84 -11.69
C GLY B 121 7.26 -22.53 -10.35
N PHE B 122 8.36 -22.83 -9.65
CA PHE B 122 8.27 -23.52 -8.36
C PHE B 122 8.33 -22.67 -7.09
N TYR B 123 7.89 -23.28 -6.00
CA TYR B 123 7.89 -22.69 -4.67
C TYR B 123 7.81 -23.82 -3.65
N PRO B 124 8.58 -23.74 -2.56
CA PRO B 124 9.54 -22.70 -2.18
C PRO B 124 10.78 -22.73 -3.06
N GLY B 125 11.72 -21.84 -2.75
CA GLY B 125 12.95 -21.71 -3.51
C GLY B 125 14.03 -22.75 -3.29
N SER B 126 14.04 -23.41 -2.14
CA SER B 126 15.06 -24.44 -1.92
C SER B 126 14.83 -25.54 -2.95
N ILE B 127 15.86 -25.84 -3.73
CA ILE B 127 15.74 -26.86 -4.75
C ILE B 127 17.11 -27.43 -5.09
N GLU B 128 17.12 -28.67 -5.55
CA GLU B 128 18.37 -29.34 -5.92
C GLU B 128 18.27 -29.83 -7.36
N VAL B 129 19.15 -29.34 -8.21
CA VAL B 129 19.17 -29.73 -9.61
C VAL B 129 20.52 -30.33 -9.96
N ARG B 130 20.53 -31.61 -10.31
CA ARG B 130 21.78 -32.29 -10.65
C ARG B 130 21.73 -33.08 -11.95
N TRP B 131 22.87 -33.14 -12.64
CA TRP B 131 23.00 -33.86 -13.89
C TRP B 131 23.66 -35.22 -13.72
N PHE B 132 23.35 -36.13 -14.64
CA PHE B 132 23.91 -37.47 -14.62
C PHE B 132 24.20 -37.96 -16.03
N ARG B 133 25.24 -38.79 -16.15
CA ARG B 133 25.62 -39.36 -17.43
C ARG B 133 25.66 -40.86 -17.23
N ASN B 134 24.57 -41.52 -17.63
CA ASN B 134 24.44 -42.97 -17.49
C ASN B 134 24.42 -43.37 -16.02
N GLY B 135 23.70 -42.59 -15.22
CA GLY B 135 23.60 -42.89 -13.79
C GLY B 135 24.68 -42.31 -12.91
N GLN B 136 25.69 -41.69 -13.52
CA GLN B 136 26.79 -41.10 -12.76
C GLN B 136 26.70 -39.58 -12.73
N GLU B 137 26.61 -39.03 -11.53
CA GLU B 137 26.49 -37.58 -11.35
C GLU B 137 27.66 -36.81 -11.96
N GLU B 138 27.35 -35.82 -12.80
CA GLU B 138 28.37 -35.02 -13.45
C GLU B 138 28.77 -33.83 -12.59
N LYS B 139 30.04 -33.79 -12.18
CA LYS B 139 30.54 -32.70 -11.36
C LYS B 139 30.99 -31.51 -12.21
N ALA B 140 32.04 -31.72 -13.00
CA ALA B 140 32.58 -30.66 -13.85
C ALA B 140 31.69 -30.37 -15.05
N GLY B 141 31.89 -29.19 -15.65
CA GLY B 141 31.11 -28.80 -16.81
C GLY B 141 29.75 -28.20 -16.48
N VAL B 142 29.30 -28.37 -15.24
CA VAL B 142 28.01 -27.84 -14.82
C VAL B 142 28.07 -26.34 -14.54
N VAL B 143 27.01 -25.63 -14.91
CA VAL B 143 26.93 -24.20 -14.71
C VAL B 143 25.50 -23.74 -14.50
N SER B 144 25.24 -23.04 -13.41
CA SER B 144 23.91 -22.56 -13.12
C SER B 144 23.80 -21.03 -13.20
N THR B 145 22.60 -20.56 -13.52
CA THR B 145 22.32 -19.13 -13.63
C THR B 145 21.98 -18.64 -12.24
N GLY B 146 21.84 -19.59 -11.31
CA GLY B 146 21.49 -19.25 -9.94
C GLY B 146 19.98 -19.22 -9.74
N LEU B 147 19.55 -19.17 -8.50
CA LEU B 147 18.14 -19.15 -8.17
C LEU B 147 17.55 -17.77 -8.47
N ILE B 148 16.51 -17.73 -9.30
CA ILE B 148 15.88 -16.47 -9.66
C ILE B 148 14.51 -16.36 -9.00
N GLN B 149 14.34 -15.31 -8.20
CA GLN B 149 13.07 -15.07 -7.52
C GLN B 149 12.26 -14.13 -8.45
N ASN B 150 11.05 -14.54 -8.84
CA ASN B 150 10.24 -13.74 -9.75
C ASN B 150 9.37 -12.63 -9.14
N GLY B 151 9.30 -12.60 -7.80
CA GLY B 151 8.51 -11.57 -7.14
C GLY B 151 7.04 -11.91 -6.99
N ASP B 152 6.62 -13.04 -7.55
CA ASP B 152 5.22 -13.46 -7.49
C ASP B 152 5.08 -14.81 -6.82
N TRP B 153 5.99 -15.10 -5.89
CA TRP B 153 6.02 -16.36 -5.16
C TRP B 153 6.33 -17.58 -6.02
N THR B 154 7.23 -17.39 -6.99
CA THR B 154 7.69 -18.49 -7.83
C THR B 154 9.14 -18.23 -8.16
N PHE B 155 9.87 -19.31 -8.44
CA PHE B 155 11.28 -19.22 -8.79
C PHE B 155 11.57 -19.94 -10.11
N GLN B 156 12.77 -19.70 -10.64
CA GLN B 156 13.21 -20.36 -11.85
C GLN B 156 14.72 -20.43 -11.84
N THR B 157 15.26 -21.36 -12.62
CA THR B 157 16.69 -21.52 -12.70
C THR B 157 17.04 -22.40 -13.90
N LEU B 158 18.19 -22.13 -14.51
CA LEU B 158 18.66 -22.91 -15.64
C LEU B 158 19.98 -23.52 -15.20
N VAL B 159 20.12 -24.82 -15.38
CA VAL B 159 21.37 -25.50 -15.03
C VAL B 159 21.90 -26.22 -16.27
N MET B 160 22.97 -25.67 -16.85
CA MET B 160 23.58 -26.23 -18.05
C MET B 160 24.61 -27.31 -17.77
N LEU B 161 24.88 -28.12 -18.79
CA LEU B 161 25.85 -29.19 -18.73
C LEU B 161 26.54 -29.33 -20.07
N GLU B 162 27.85 -29.13 -20.08
CA GLU B 162 28.62 -29.27 -21.32
C GLU B 162 28.86 -30.75 -21.53
N THR B 163 28.73 -31.22 -22.76
CA THR B 163 28.94 -32.64 -23.03
C THR B 163 29.59 -32.94 -24.37
N VAL B 164 30.23 -34.11 -24.42
CA VAL B 164 30.86 -34.64 -25.62
C VAL B 164 30.00 -35.89 -25.80
N PRO B 165 28.82 -35.72 -26.42
CA PRO B 165 27.78 -36.72 -26.71
C PRO B 165 28.28 -37.81 -27.64
N ARG B 166 27.81 -39.02 -27.34
CA ARG B 166 28.12 -40.23 -28.09
C ARG B 166 26.84 -41.06 -28.10
N SER B 167 26.36 -41.40 -29.29
CA SER B 167 25.15 -42.18 -29.45
C SER B 167 24.98 -43.20 -28.33
N GLY B 168 23.77 -43.30 -27.79
CA GLY B 168 23.51 -44.25 -26.72
C GLY B 168 23.59 -43.69 -25.31
N GLU B 169 24.30 -42.58 -25.14
CA GLU B 169 24.42 -41.99 -23.81
C GLU B 169 23.11 -41.34 -23.36
N VAL B 170 22.80 -41.50 -22.08
CA VAL B 170 21.60 -40.93 -21.50
C VAL B 170 21.97 -39.89 -20.43
N TYR B 171 21.74 -38.62 -20.74
CA TYR B 171 22.02 -37.54 -19.81
C TYR B 171 20.75 -37.16 -19.06
N THR B 172 20.76 -37.35 -17.75
CA THR B 172 19.57 -37.06 -16.94
C THR B 172 19.68 -35.84 -16.03
N CYS B 173 18.61 -35.05 -16.01
CA CYS B 173 18.56 -33.89 -15.14
C CYS B 173 17.65 -34.33 -14.00
N GLN B 174 18.14 -34.25 -12.77
CA GLN B 174 17.34 -34.65 -11.63
C GLN B 174 17.00 -33.46 -10.76
N VAL B 175 15.74 -33.38 -10.36
CA VAL B 175 15.28 -32.28 -9.56
C VAL B 175 14.59 -32.75 -8.29
N GLU B 176 15.11 -32.28 -7.16
CA GLU B 176 14.53 -32.62 -5.86
C GLU B 176 13.96 -31.33 -5.29
N HIS B 177 12.71 -31.40 -4.86
CA HIS B 177 12.01 -30.23 -4.35
C HIS B 177 10.94 -30.71 -3.39
N PRO B 178 10.63 -29.91 -2.36
CA PRO B 178 9.64 -30.20 -1.32
C PRO B 178 8.24 -30.43 -1.89
N SER B 179 8.02 -30.07 -3.15
CA SER B 179 6.70 -30.26 -3.72
C SER B 179 6.44 -31.71 -4.12
N VAL B 180 7.50 -32.48 -4.31
CA VAL B 180 7.37 -33.87 -4.72
C VAL B 180 8.08 -34.83 -3.76
N THR B 181 7.51 -36.01 -3.60
CA THR B 181 8.06 -37.04 -2.71
C THR B 181 9.23 -37.79 -3.34
N SER B 182 9.26 -37.82 -4.67
CA SER B 182 10.34 -38.50 -5.40
C SER B 182 10.91 -37.52 -6.41
N PRO B 183 12.23 -37.61 -6.69
CA PRO B 183 12.91 -36.72 -7.65
C PRO B 183 12.22 -36.75 -9.01
N LEU B 184 12.23 -35.59 -9.68
CA LEU B 184 11.68 -35.46 -11.01
C LEU B 184 12.87 -35.66 -11.94
N THR B 185 12.70 -36.44 -12.99
CA THR B 185 13.79 -36.67 -13.93
C THR B 185 13.39 -36.42 -15.39
N VAL B 186 14.31 -35.83 -16.14
CA VAL B 186 14.09 -35.58 -17.55
C VAL B 186 15.36 -36.02 -18.23
N GLU B 187 15.24 -36.92 -19.20
CA GLU B 187 16.41 -37.45 -19.88
C GLU B 187 16.66 -36.89 -21.28
N TRP B 188 17.93 -36.81 -21.63
CA TRP B 188 18.33 -36.37 -22.95
C TRP B 188 18.99 -37.58 -23.58
N ARG B 189 18.42 -38.09 -24.67
CA ARG B 189 19.00 -39.25 -25.34
C ARG B 189 19.92 -38.73 -26.43
N ALA B 190 21.21 -38.99 -26.27
CA ALA B 190 22.22 -38.56 -27.23
C ALA B 190 22.41 -39.62 -28.30
N PRO C 2 -6.73 -16.01 11.13
CA PRO C 2 -5.56 -15.54 11.88
C PRO C 2 -5.31 -14.09 11.45
N LYS C 3 -4.87 -13.28 12.39
CA LYS C 3 -4.62 -11.89 12.09
C LYS C 3 -3.15 -11.53 12.30
N VAL C 5 -0.03 -9.40 13.29
CA VAL C 5 0.07 -8.23 14.15
C VAL C 5 1.34 -7.46 13.80
N LYS C 6 1.27 -6.15 13.96
CA LYS C 6 2.42 -5.31 13.65
C LYS C 6 3.13 -4.85 14.90
N GLN C 7 4.41 -4.56 14.76
CA GLN C 7 5.21 -4.02 15.86
C GLN C 7 5.02 -2.51 15.78
N ASN C 8 4.87 -1.84 16.92
CA ASN C 8 4.69 -0.40 16.94
C ASN C 8 6.03 0.31 16.90
N THR C 9 6.06 1.41 16.16
CA THR C 9 7.28 2.20 16.04
C THR C 9 7.35 3.21 17.19
N LEU C 10 8.54 3.38 17.76
CA LEU C 10 8.74 4.32 18.85
C LEU C 10 9.32 5.65 18.38
N LYS C 11 8.95 6.73 19.05
CA LYS C 11 9.43 8.07 18.75
C LYS C 11 10.90 8.13 19.15
N LEU C 12 11.71 8.80 18.33
CA LEU C 12 13.14 8.95 18.61
C LEU C 12 13.31 10.05 19.64
N ALA C 13 14.53 10.17 20.17
CA ALA C 13 14.84 11.20 21.14
C ALA C 13 14.98 12.55 20.43
N THR C 14 14.17 13.52 20.83
CA THR C 14 14.20 14.84 20.22
C THR C 14 15.13 15.79 20.99
N GLU D 2 -23.94 10.41 -17.67
CA GLU D 2 -23.07 11.46 -17.07
C GLU D 2 -23.26 11.56 -15.56
N SER D 3 -24.51 11.59 -15.11
CA SER D 3 -24.79 11.67 -13.69
C SER D 3 -24.96 10.26 -13.12
N GLN D 4 -24.57 10.11 -11.86
CA GLN D 4 -24.65 8.85 -11.15
C GLN D 4 -26.09 8.31 -11.09
N PRO D 5 -26.30 7.03 -11.44
CA PRO D 5 -27.60 6.36 -11.44
C PRO D 5 -28.18 6.30 -10.03
N ASP D 6 -29.49 6.50 -9.92
CA ASP D 6 -30.15 6.44 -8.62
C ASP D 6 -30.00 5.03 -8.06
N PRO D 7 -29.96 4.91 -6.73
CA PRO D 7 -29.82 3.61 -6.08
C PRO D 7 -31.12 2.83 -6.09
N MET D 8 -30.99 1.51 -6.09
CA MET D 8 -32.11 0.59 -6.03
C MET D 8 -31.90 -0.07 -4.67
N PRO D 9 -32.99 -0.49 -4.00
CA PRO D 9 -32.99 -1.13 -2.69
C PRO D 9 -31.72 -1.96 -2.44
N ASP D 10 -31.34 -2.80 -3.38
CA ASP D 10 -30.16 -3.65 -3.22
C ASP D 10 -28.83 -2.89 -3.12
N ASP D 11 -28.80 -1.66 -3.60
CA ASP D 11 -27.58 -0.85 -3.56
C ASP D 11 -27.43 -0.05 -2.27
N LEU D 12 -28.41 -0.13 -1.39
CA LEU D 12 -28.39 0.64 -0.15
C LEU D 12 -28.13 -0.14 1.12
N HIS D 13 -27.27 0.40 1.98
CA HIS D 13 -26.96 -0.22 3.26
C HIS D 13 -28.24 -0.32 4.09
N LYS D 14 -28.40 -1.43 4.81
CA LYS D 14 -29.60 -1.64 5.63
C LYS D 14 -29.29 -1.45 7.10
N SER D 15 -30.10 -0.62 7.76
CA SER D 15 -29.92 -0.36 9.17
C SER D 15 -29.99 -1.67 9.97
N SER D 16 -30.86 -2.57 9.55
CA SER D 16 -31.04 -3.84 10.23
C SER D 16 -29.84 -4.76 10.11
N GLU D 17 -28.96 -4.48 9.15
CA GLU D 17 -27.78 -5.31 8.94
C GLU D 17 -26.54 -4.77 9.66
N PHE D 18 -26.71 -3.65 10.34
CA PHE D 18 -25.60 -3.05 11.09
C PHE D 18 -25.91 -3.36 12.55
N THR D 19 -24.99 -4.05 13.22
CA THR D 19 -25.23 -4.42 14.62
C THR D 19 -24.38 -3.67 15.62
N GLY D 20 -23.66 -2.65 15.14
CA GLY D 20 -22.83 -1.84 16.02
C GLY D 20 -23.66 -0.74 16.62
N THR D 21 -23.01 0.30 17.13
CA THR D 21 -23.68 1.43 17.75
C THR D 21 -23.88 2.61 16.79
N MET D 22 -25.15 2.84 16.42
CA MET D 22 -25.51 3.92 15.50
C MET D 22 -25.06 5.28 16.04
N GLY D 23 -24.83 5.35 17.35
CA GLY D 23 -24.39 6.59 17.95
C GLY D 23 -23.05 7.04 17.37
N ASN D 24 -22.28 6.10 16.84
CA ASN D 24 -21.00 6.44 16.26
C ASN D 24 -21.20 7.14 14.91
N MET D 25 -22.36 6.93 14.30
CA MET D 25 -22.70 7.60 13.03
C MET D 25 -23.32 8.95 13.40
N LYS D 26 -24.21 8.94 14.38
CA LYS D 26 -24.88 10.17 14.85
C LYS D 26 -23.82 11.19 15.25
N TYR D 27 -22.80 10.70 15.93
CA TYR D 27 -21.70 11.54 16.39
C TYR D 27 -21.12 12.42 15.27
N LEU D 28 -21.03 11.86 14.07
CA LEU D 28 -20.45 12.60 12.95
C LEU D 28 -21.30 13.74 12.40
N TYR D 29 -22.57 13.79 12.77
CA TYR D 29 -23.45 14.82 12.23
C TYR D 29 -24.23 15.66 13.24
N ASP D 30 -24.23 15.22 14.49
CA ASP D 30 -24.96 15.93 15.53
C ASP D 30 -24.16 17.11 16.09
N ASP D 31 -24.38 18.29 15.53
CA ASP D 31 -23.67 19.51 15.96
C ASP D 31 -22.18 19.20 16.05
N HIS D 32 -21.66 18.69 14.96
CA HIS D 32 -20.27 18.26 14.84
C HIS D 32 -19.73 18.71 13.50
N TYR D 33 -18.68 19.51 13.51
CA TYR D 33 -18.06 19.98 12.28
C TYR D 33 -16.89 20.91 12.54
N VAL D 34 -15.98 20.95 11.57
CA VAL D 34 -14.83 21.83 11.63
C VAL D 34 -15.18 23.00 10.72
N SER D 35 -14.93 24.21 11.19
CA SER D 35 -15.23 25.39 10.40
C SER D 35 -14.16 26.46 10.56
N ALA D 36 -13.64 26.93 9.44
CA ALA D 36 -12.62 27.97 9.47
C ALA D 36 -12.75 28.85 8.24
N THR D 37 -12.36 30.11 8.38
CA THR D 37 -12.44 31.09 7.30
C THR D 37 -11.10 31.78 7.05
N LYS D 38 -10.81 32.07 5.79
CA LYS D 38 -9.57 32.74 5.42
C LYS D 38 -8.34 32.09 6.04
N VAL D 39 -8.17 30.79 5.81
CA VAL D 39 -7.00 30.09 6.33
C VAL D 39 -6.21 29.61 5.14
N LYS D 40 -4.97 29.22 5.40
CA LYS D 40 -4.07 28.75 4.35
C LYS D 40 -3.33 27.54 4.92
N SER D 41 -3.08 26.53 4.09
CA SER D 41 -2.41 25.34 4.60
C SER D 41 -0.98 25.64 5.02
N VAL D 42 -0.54 24.97 6.08
CA VAL D 42 0.80 25.16 6.60
C VAL D 42 1.65 23.90 6.51
N ASP D 43 1.04 22.81 6.08
CA ASP D 43 1.78 21.55 5.99
C ASP D 43 1.00 20.53 5.19
N SER D 44 1.58 19.35 5.05
CA SER D 44 0.98 18.25 4.33
C SER D 44 1.65 16.98 4.84
N PHE D 45 0.90 15.89 4.96
CA PHE D 45 1.46 14.63 5.43
C PHE D 45 1.79 13.77 4.22
N PHE D 46 0.78 13.54 3.38
CA PHE D 46 0.96 12.80 2.13
C PHE D 46 0.59 13.82 1.05
N LYS D 47 0.97 13.53 -0.19
CA LYS D 47 0.73 14.41 -1.32
C LYS D 47 -0.71 14.81 -1.53
N TRP D 48 -1.65 13.94 -1.17
CA TRP D 48 -3.06 14.22 -1.38
C TRP D 48 -3.78 14.89 -0.22
N ASP D 49 -3.03 15.34 0.80
CA ASP D 49 -3.68 15.99 1.93
C ASP D 49 -3.07 17.33 2.31
N LEU D 50 -3.81 18.11 3.08
CA LEU D 50 -3.37 19.43 3.53
C LEU D 50 -3.72 19.57 5.00
N ILE D 51 -2.82 20.21 5.75
CA ILE D 51 -2.98 20.43 7.18
C ILE D 51 -3.14 21.92 7.45
N TYR D 52 -4.07 22.26 8.32
CA TYR D 52 -4.33 23.66 8.65
C TYR D 52 -4.29 23.89 10.14
N ASN D 53 -4.01 25.13 10.54
CA ASN D 53 -4.01 25.48 11.94
C ASN D 53 -5.43 26.00 12.18
N ILE D 54 -6.27 25.17 12.76
CA ILE D 54 -7.65 25.52 13.07
C ILE D 54 -7.85 25.04 14.48
N SER D 55 -8.27 25.94 15.36
CA SER D 55 -8.48 25.55 16.75
C SER D 55 -9.91 25.18 17.08
N ASP D 56 -10.06 24.27 18.04
CA ASP D 56 -11.37 23.85 18.48
C ASP D 56 -11.97 25.03 19.25
N LYS D 57 -12.82 25.80 18.56
CA LYS D 57 -13.48 26.95 19.18
C LYS D 57 -14.33 26.50 20.35
N LYS D 58 -14.98 25.33 20.20
CA LYS D 58 -15.84 24.79 21.25
C LYS D 58 -15.12 24.40 22.55
N LEU D 59 -14.63 23.16 22.63
CA LEU D 59 -13.95 22.68 23.83
C LEU D 59 -12.46 22.32 23.72
N LYS D 60 -11.75 23.09 22.90
CA LYS D 60 -10.30 22.92 22.70
C LYS D 60 -9.82 21.47 22.59
N ASN D 61 -10.30 20.74 21.58
CA ASN D 61 -9.89 19.35 21.38
C ASN D 61 -8.84 19.21 20.29
N TYR D 62 -8.52 20.30 19.60
CA TYR D 62 -7.54 20.25 18.52
C TYR D 62 -7.16 21.65 18.03
N ASP D 63 -5.97 21.76 17.47
CA ASP D 63 -5.51 23.02 16.89
C ASP D 63 -4.91 22.74 15.51
N LYS D 64 -4.95 21.48 15.10
CA LYS D 64 -4.47 21.09 13.79
C LYS D 64 -5.48 20.14 13.13
N VAL D 65 -5.79 20.43 11.87
CA VAL D 65 -6.73 19.63 11.11
C VAL D 65 -6.10 19.16 9.81
N LYS D 66 -6.13 17.86 9.58
CA LYS D 66 -5.61 17.34 8.32
C LYS D 66 -6.85 17.00 7.48
N THR D 67 -6.87 17.41 6.22
CA THR D 67 -7.99 17.03 5.37
C THR D 67 -7.43 16.29 4.19
N GLU D 68 -7.98 15.12 3.91
CA GLU D 68 -7.50 14.34 2.80
C GLU D 68 -8.38 14.54 1.56
N LEU D 69 -7.72 14.60 0.42
CA LEU D 69 -8.40 14.80 -0.85
C LEU D 69 -8.21 13.57 -1.70
N LEU D 70 -9.02 13.46 -2.75
CA LEU D 70 -9.01 12.32 -3.65
C LEU D 70 -7.69 12.09 -4.40
N ASN D 71 -6.93 13.15 -4.61
CA ASN D 71 -5.66 13.01 -5.31
C ASN D 71 -4.75 14.20 -5.10
N GLU D 72 -3.53 14.08 -5.62
CA GLU D 72 -2.54 15.13 -5.47
C GLU D 72 -2.85 16.43 -6.22
N ASP D 73 -3.48 16.32 -7.40
CA ASP D 73 -3.80 17.53 -8.17
C ASP D 73 -4.72 18.41 -7.34
N LEU D 74 -5.65 17.76 -6.66
CA LEU D 74 -6.62 18.46 -5.83
C LEU D 74 -5.92 19.17 -4.68
N ALA D 75 -4.95 18.50 -4.06
CA ALA D 75 -4.23 19.10 -2.95
C ALA D 75 -3.32 20.23 -3.48
N LYS D 76 -2.70 20.01 -4.63
CA LYS D 76 -1.84 21.03 -5.22
C LYS D 76 -2.66 22.27 -5.53
N LYS D 77 -3.90 22.05 -5.97
CA LYS D 77 -4.78 23.15 -6.31
C LYS D 77 -5.09 24.10 -5.15
N TYR D 78 -5.28 23.55 -3.95
CA TYR D 78 -5.61 24.41 -2.81
C TYR D 78 -4.46 24.71 -1.85
N LYS D 79 -3.33 24.03 -2.04
CA LYS D 79 -2.19 24.22 -1.17
C LYS D 79 -1.84 25.69 -0.88
N ASP D 80 -1.73 26.50 -1.93
CA ASP D 80 -1.38 27.90 -1.73
C ASP D 80 -2.55 28.89 -1.79
N GLU D 81 -3.78 28.40 -1.76
CA GLU D 81 -4.95 29.28 -1.83
C GLU D 81 -5.43 29.69 -0.44
N VAL D 82 -6.07 30.85 -0.35
CA VAL D 82 -6.67 31.28 0.91
C VAL D 82 -8.04 30.63 0.80
N VAL D 83 -8.38 29.78 1.76
CA VAL D 83 -9.62 29.04 1.68
C VAL D 83 -10.50 29.05 2.91
N ASP D 84 -11.66 28.41 2.75
CA ASP D 84 -12.61 28.27 3.84
C ASP D 84 -12.73 26.75 4.01
N VAL D 85 -12.98 26.31 5.24
CA VAL D 85 -13.09 24.89 5.52
C VAL D 85 -14.37 24.53 6.29
N TYR D 86 -15.04 23.48 5.83
CA TYR D 86 -16.25 22.99 6.49
C TYR D 86 -16.38 21.50 6.24
N GLY D 87 -16.41 20.71 7.31
CA GLY D 87 -16.51 19.27 7.16
C GLY D 87 -16.70 18.57 8.47
N SER D 88 -16.95 17.28 8.40
CA SER D 88 -17.16 16.44 9.57
C SER D 88 -15.81 15.77 9.91
N ASN D 89 -15.31 16.02 11.11
CA ASN D 89 -14.01 15.44 11.50
C ASN D 89 -14.11 14.17 12.35
N TYR D 90 -13.02 13.42 12.42
CA TYR D 90 -12.98 12.21 13.21
C TYR D 90 -11.67 12.16 14.00
N TYR D 91 -11.63 11.30 15.01
CA TYR D 91 -10.45 11.14 15.87
C TYR D 91 -9.90 9.73 15.88
N VAL D 92 -10.78 8.76 15.82
CA VAL D 92 -10.39 7.36 15.82
C VAL D 92 -9.63 7.09 14.53
N ASN D 93 -8.39 6.63 14.66
CA ASN D 93 -7.53 6.35 13.53
C ASN D 93 -7.11 7.62 12.78
N CYS D 94 -7.08 8.74 13.48
CA CYS D 94 -6.63 9.99 12.87
C CYS D 94 -5.14 10.00 13.16
N TYR D 95 -4.33 9.92 12.11
CA TYR D 95 -2.87 9.91 12.27
C TYR D 95 -2.13 10.84 11.30
N PHE D 96 -1.15 11.55 11.84
CA PHE D 96 -0.28 12.40 11.04
C PHE D 96 0.64 13.16 11.97
N SER D 97 1.77 13.58 11.45
CA SER D 97 2.72 14.33 12.24
C SER D 97 2.93 15.66 11.52
N SER D 98 3.41 16.66 12.25
CA SER D 98 3.67 17.97 11.68
C SER D 98 4.84 18.56 12.45
N LYS D 99 5.09 19.86 12.27
CA LYS D 99 6.18 20.51 12.98
C LYS D 99 6.02 22.03 13.00
N GLY D 107 -0.78 20.08 21.78
CA GLY D 107 -1.76 20.41 20.75
C GLY D 107 -2.47 19.19 20.17
N GLY D 108 -3.80 19.27 20.12
CA GLY D 108 -4.60 18.17 19.59
C GLY D 108 -4.74 18.19 18.07
N LYS D 109 -4.99 17.01 17.51
CA LYS D 109 -5.16 16.85 16.06
C LYS D 109 -6.52 16.24 15.76
N THR D 110 -7.04 16.51 14.57
CA THR D 110 -8.29 15.91 14.14
C THR D 110 -8.19 15.76 12.61
N CYS D 111 -8.98 14.85 12.05
CA CYS D 111 -8.91 14.58 10.61
C CYS D 111 -10.25 14.71 9.89
N MET D 112 -10.19 14.93 8.58
CA MET D 112 -11.38 15.06 7.74
C MET D 112 -11.05 14.84 6.26
N TYR D 113 -12.08 14.94 5.42
CA TYR D 113 -11.92 14.77 3.98
C TYR D 113 -12.56 15.95 3.25
N GLY D 114 -11.97 16.34 2.12
CA GLY D 114 -12.51 17.45 1.34
C GLY D 114 -12.82 18.66 2.19
N GLY D 115 -14.00 19.25 1.97
CA GLY D 115 -14.43 20.41 2.74
C GLY D 115 -13.75 21.75 2.44
N ILE D 116 -13.03 21.82 1.32
CA ILE D 116 -12.31 23.04 0.94
C ILE D 116 -12.91 23.85 -0.21
N THR D 117 -13.04 25.16 -0.02
CA THR D 117 -13.51 26.08 -1.06
C THR D 117 -12.68 27.37 -1.05
N LYS D 118 -12.33 27.87 -2.23
CA LYS D 118 -11.56 29.11 -2.34
C LYS D 118 -12.40 30.19 -1.67
N HIS D 119 -11.76 31.05 -0.89
CA HIS D 119 -12.45 32.12 -0.19
C HIS D 119 -12.76 33.38 -1.01
N GLU D 120 -11.82 33.75 -1.89
CA GLU D 120 -11.95 34.93 -2.72
C GLU D 120 -13.14 34.94 -3.66
N GLY D 121 -14.06 35.87 -3.45
CA GLY D 121 -15.23 35.99 -4.29
C GLY D 121 -16.22 34.83 -4.24
N ASN D 122 -16.32 34.18 -3.07
CA ASN D 122 -17.23 33.06 -2.93
C ASN D 122 -18.31 33.41 -1.92
N HIS D 123 -18.35 34.67 -1.51
CA HIS D 123 -19.34 35.12 -0.53
C HIS D 123 -20.34 36.12 -1.08
N PHE D 124 -21.38 36.37 -0.29
CA PHE D 124 -22.44 37.29 -0.69
C PHE D 124 -22.25 38.68 -0.08
N ASP D 125 -22.80 39.67 -0.78
CA ASP D 125 -22.71 41.06 -0.34
C ASP D 125 -23.30 41.25 1.05
N ASN D 126 -22.66 42.11 1.84
CA ASN D 126 -23.11 42.42 3.20
C ASN D 126 -23.32 41.15 4.04
N GLY D 127 -22.57 40.11 3.73
CA GLY D 127 -22.67 38.86 4.48
C GLY D 127 -24.07 38.29 4.60
N ASN D 128 -24.62 37.83 3.48
CA ASN D 128 -25.96 37.23 3.47
C ASN D 128 -25.88 35.73 3.25
N LEU D 129 -26.80 35.02 3.87
CA LEU D 129 -26.84 33.57 3.76
C LEU D 129 -27.81 33.10 2.67
N GLN D 130 -27.40 32.12 1.90
CA GLN D 130 -28.19 31.55 0.82
C GLN D 130 -28.94 30.32 1.32
N ASN D 131 -30.24 30.27 1.09
CA ASN D 131 -31.07 29.14 1.50
C ASN D 131 -31.01 28.04 0.46
N VAL D 132 -30.99 26.80 0.92
CA VAL D 132 -30.97 25.65 0.03
C VAL D 132 -32.05 24.70 0.44
N LEU D 133 -32.96 24.44 -0.49
CA LEU D 133 -34.10 23.57 -0.25
C LEU D 133 -33.74 22.10 -0.05
N VAL D 134 -34.39 21.50 0.94
CA VAL D 134 -34.20 20.10 1.21
C VAL D 134 -35.58 19.49 1.39
N ARG D 135 -35.90 18.49 0.57
CA ARG D 135 -37.19 17.84 0.72
C ARG D 135 -36.95 16.42 1.21
N VAL D 136 -37.67 16.04 2.27
CA VAL D 136 -37.52 14.72 2.84
C VAL D 136 -38.66 13.79 2.41
N TYR D 137 -38.29 12.59 1.99
CA TYR D 137 -39.24 11.58 1.57
C TYR D 137 -39.11 10.35 2.47
N GLU D 138 -40.24 9.86 2.94
CA GLU D 138 -40.27 8.67 3.77
C GLU D 138 -41.20 7.73 3.03
N ASN D 139 -40.66 6.60 2.59
CA ASN D 139 -41.41 5.62 1.83
C ASN D 139 -42.05 6.27 0.60
N LYS D 140 -41.21 7.00 -0.14
CA LYS D 140 -41.61 7.66 -1.38
C LYS D 140 -42.51 8.88 -1.31
N ARG D 141 -42.89 9.30 -0.11
CA ARG D 141 -43.76 10.47 0.01
C ARG D 141 -43.08 11.60 0.77
N ASN D 142 -43.12 12.79 0.19
CA ASN D 142 -42.55 13.97 0.80
C ASN D 142 -43.26 14.18 2.14
N THR D 143 -42.51 14.19 3.24
CA THR D 143 -43.09 14.36 4.58
C THR D 143 -42.84 15.74 5.16
N ILE D 144 -41.60 16.21 5.06
CA ILE D 144 -41.28 17.55 5.54
C ILE D 144 -40.32 18.15 4.54
N SER D 145 -40.29 19.47 4.51
CA SER D 145 -39.39 20.19 3.64
C SER D 145 -38.85 21.35 4.45
N PHE D 146 -37.61 21.73 4.17
CA PHE D 146 -36.99 22.81 4.90
C PHE D 146 -35.79 23.33 4.13
N GLU D 147 -35.07 24.26 4.73
CA GLU D 147 -33.90 24.82 4.09
C GLU D 147 -32.70 24.81 5.03
N VAL D 148 -31.52 24.78 4.45
CA VAL D 148 -30.30 24.87 5.23
C VAL D 148 -29.66 26.12 4.65
N GLN D 149 -28.73 26.71 5.39
CA GLN D 149 -28.09 27.92 4.91
C GLN D 149 -26.59 27.78 4.80
N THR D 150 -26.02 28.56 3.88
CA THR D 150 -24.58 28.59 3.68
C THR D 150 -24.19 30.00 3.28
N ASP D 151 -22.98 30.39 3.63
CA ASP D 151 -22.48 31.72 3.31
C ASP D 151 -21.61 31.68 2.07
N LYS D 152 -21.64 30.56 1.36
CA LYS D 152 -20.83 30.42 0.16
C LYS D 152 -21.66 30.31 -1.13
N LYS D 153 -21.12 30.83 -2.22
CA LYS D 153 -21.80 30.76 -3.51
C LYS D 153 -21.58 29.36 -4.04
N SER D 154 -20.35 28.89 -3.92
CA SER D 154 -19.96 27.55 -4.33
C SER D 154 -19.66 26.87 -2.98
N VAL D 155 -20.48 25.90 -2.61
CA VAL D 155 -20.35 25.21 -1.33
C VAL D 155 -20.14 23.72 -1.54
N THR D 156 -19.41 23.06 -0.63
CA THR D 156 -19.18 21.63 -0.79
C THR D 156 -20.49 20.92 -0.48
N ALA D 157 -20.72 19.80 -1.16
CA ALA D 157 -21.91 19.01 -0.92
C ALA D 157 -21.85 18.54 0.53
N GLN D 158 -20.63 18.28 1.01
CA GLN D 158 -20.43 17.81 2.38
C GLN D 158 -21.05 18.76 3.39
N GLU D 159 -20.76 20.05 3.23
CA GLU D 159 -21.30 21.04 4.15
C GLU D 159 -22.83 20.98 4.18
N LEU D 160 -23.44 20.93 3.00
CA LEU D 160 -24.90 20.89 2.90
C LEU D 160 -25.44 19.60 3.52
N ASP D 161 -24.79 18.49 3.24
CA ASP D 161 -25.19 17.20 3.76
C ASP D 161 -25.21 17.24 5.30
N ILE D 162 -24.12 17.72 5.87
CA ILE D 162 -24.00 17.80 7.31
C ILE D 162 -25.12 18.60 7.94
N LYS D 163 -25.40 19.77 7.36
CA LYS D 163 -26.47 20.62 7.88
C LYS D 163 -27.82 19.93 7.74
N ALA D 164 -28.00 19.21 6.64
CA ALA D 164 -29.25 18.49 6.44
C ALA D 164 -29.42 17.43 7.53
N ARG D 165 -28.39 16.62 7.74
CA ARG D 165 -28.47 15.56 8.73
C ARG D 165 -28.55 16.06 10.15
N ASN D 166 -27.86 17.15 10.45
CA ASN D 166 -27.91 17.69 11.80
C ASN D 166 -29.36 18.02 12.09
N PHE D 167 -30.01 18.66 11.13
CA PHE D 167 -31.42 19.02 11.28
C PHE D 167 -32.30 17.80 11.44
N LEU D 168 -32.10 16.79 10.59
CA LEU D 168 -32.91 15.57 10.66
C LEU D 168 -32.66 14.73 11.91
N ILE D 169 -31.51 14.91 12.55
CA ILE D 169 -31.20 14.16 13.76
C ILE D 169 -32.04 14.69 14.92
N ASN D 170 -32.15 16.01 14.99
CA ASN D 170 -32.93 16.63 16.06
C ASN D 170 -34.43 16.60 15.82
N LYS D 171 -34.84 16.72 14.56
CA LYS D 171 -36.25 16.74 14.25
C LYS D 171 -36.91 15.41 13.89
N LYS D 172 -36.10 14.42 13.47
CA LYS D 172 -36.68 13.13 13.09
C LYS D 172 -35.92 11.92 13.62
N ASN D 173 -34.98 12.15 14.53
CA ASN D 173 -34.20 11.05 15.11
C ASN D 173 -33.56 10.19 14.01
N LEU D 174 -33.05 10.85 12.97
CA LEU D 174 -32.40 10.14 11.87
C LEU D 174 -31.51 9.03 12.44
N TYR D 175 -30.70 9.36 13.43
CA TYR D 175 -29.83 8.38 14.05
C TYR D 175 -30.01 8.46 15.57
N GLU D 176 -30.10 7.31 16.22
CA GLU D 176 -30.22 7.28 17.67
C GLU D 176 -29.00 6.51 18.17
N PHE D 177 -28.82 6.45 19.49
CA PHE D 177 -27.66 5.75 20.05
C PHE D 177 -27.53 4.30 19.61
N ASN D 178 -28.61 3.54 19.69
CA ASN D 178 -28.56 2.13 19.33
C ASN D 178 -28.81 1.83 17.86
N SER D 179 -29.86 2.42 17.31
CA SER D 179 -30.16 2.19 15.91
C SER D 179 -30.82 3.42 15.29
N SER D 180 -31.63 3.17 14.27
CA SER D 180 -32.31 4.23 13.57
C SER D 180 -33.74 3.82 13.26
N PRO D 181 -34.68 4.77 13.29
CA PRO D 181 -36.05 4.39 12.98
C PRO D 181 -36.16 4.07 11.49
N TYR D 182 -35.10 4.36 10.73
CA TYR D 182 -35.12 4.09 9.30
C TYR D 182 -34.25 2.92 8.89
N GLU D 183 -34.68 2.20 7.85
CA GLU D 183 -33.96 1.05 7.33
C GLU D 183 -32.92 1.47 6.30
N THR D 184 -33.32 2.36 5.39
CA THR D 184 -32.38 2.85 4.38
C THR D 184 -32.52 4.35 4.25
N GLY D 185 -31.54 4.97 3.62
CA GLY D 185 -31.58 6.39 3.43
C GLY D 185 -30.43 6.87 2.57
N TYR D 186 -30.71 7.78 1.66
CA TYR D 186 -29.66 8.34 0.82
C TYR D 186 -30.01 9.79 0.58
N ILE D 187 -29.00 10.62 0.45
CA ILE D 187 -29.24 12.03 0.21
C ILE D 187 -28.80 12.30 -1.22
N LYS D 188 -29.70 12.89 -2.00
CA LYS D 188 -29.46 13.18 -3.40
C LYS D 188 -29.34 14.66 -3.70
N PHE D 189 -28.37 14.99 -4.53
CA PHE D 189 -28.14 16.37 -4.94
C PHE D 189 -28.49 16.54 -6.40
N ILE D 190 -29.25 17.59 -6.70
CA ILE D 190 -29.66 17.88 -8.07
C ILE D 190 -29.11 19.27 -8.45
N GLU D 191 -28.19 19.29 -9.40
CA GLU D 191 -27.60 20.57 -9.82
C GLU D 191 -28.44 21.19 -10.94
N ASN D 192 -28.35 22.50 -11.11
CA ASN D 192 -29.13 23.21 -12.12
C ASN D 192 -28.81 22.82 -13.57
N ASN D 193 -27.78 22.00 -13.75
CA ASN D 193 -27.41 21.56 -15.09
C ASN D 193 -27.92 20.12 -15.31
N GLY D 194 -28.70 19.62 -14.37
CA GLY D 194 -29.23 18.28 -14.49
C GLY D 194 -28.42 17.17 -13.86
N ASN D 195 -27.16 17.43 -13.52
CA ASN D 195 -26.32 16.40 -12.91
C ASN D 195 -26.77 16.06 -11.47
N THR D 196 -26.89 14.77 -11.17
CA THR D 196 -27.27 14.34 -9.84
C THR D 196 -26.25 13.34 -9.28
N PHE D 197 -26.14 13.29 -7.95
CA PHE D 197 -25.26 12.34 -7.28
C PHE D 197 -25.82 12.15 -5.88
N TRP D 198 -25.47 11.04 -5.23
CA TRP D 198 -26.02 10.77 -3.91
C TRP D 198 -25.05 10.04 -3.00
N TYR D 199 -25.35 10.08 -1.70
CA TYR D 199 -24.55 9.42 -0.68
C TYR D 199 -25.47 8.55 0.16
N ASP D 200 -25.00 7.33 0.49
CA ASP D 200 -25.74 6.41 1.34
C ASP D 200 -25.58 7.00 2.75
N MET D 201 -26.67 7.09 3.50
CA MET D 201 -26.64 7.66 4.85
C MET D 201 -26.53 6.62 5.95
N MET D 202 -26.56 5.34 5.58
CA MET D 202 -26.47 4.27 6.56
C MET D 202 -25.09 3.62 6.57
N PRO D 203 -24.68 3.06 7.71
CA PRO D 203 -23.37 2.40 7.84
C PRO D 203 -23.36 1.05 7.13
N ALA D 204 -22.16 0.61 6.77
CA ALA D 204 -21.98 -0.66 6.12
C ALA D 204 -22.39 -1.77 7.10
N PRO D 205 -22.79 -2.93 6.59
CA PRO D 205 -23.22 -4.05 7.44
C PRO D 205 -22.06 -4.58 8.30
N GLY D 206 -22.41 -5.16 9.44
CA GLY D 206 -21.42 -5.70 10.36
C GLY D 206 -21.64 -5.15 11.76
N ASP D 207 -20.68 -5.38 12.65
CA ASP D 207 -20.80 -4.90 14.02
C ASP D 207 -19.95 -3.67 14.34
N LYS D 208 -19.18 -3.20 13.37
CA LYS D 208 -18.35 -2.02 13.61
C LYS D 208 -18.61 -0.95 12.56
N PHE D 209 -18.40 0.30 12.96
CA PHE D 209 -18.56 1.41 12.06
C PHE D 209 -17.22 2.13 11.93
N ASP D 210 -16.66 2.11 10.74
CA ASP D 210 -15.39 2.76 10.47
C ASP D 210 -15.73 4.19 10.02
N GLN D 211 -15.62 5.14 10.94
CA GLN D 211 -15.94 6.54 10.65
C GLN D 211 -15.08 7.10 9.53
N SER D 212 -13.77 6.93 9.66
CA SER D 212 -12.83 7.42 8.68
C SER D 212 -13.15 6.88 7.28
N LYS D 213 -13.40 5.59 7.19
CA LYS D 213 -13.69 4.98 5.90
C LYS D 213 -15.00 5.51 5.32
N TYR D 214 -15.96 5.80 6.19
CA TYR D 214 -17.24 6.32 5.76
C TYR D 214 -17.09 7.75 5.21
N LEU D 215 -16.38 8.59 5.94
CA LEU D 215 -16.19 9.98 5.54
C LEU D 215 -15.33 10.16 4.29
N MET D 216 -14.54 9.16 3.96
CA MET D 216 -13.70 9.23 2.79
C MET D 216 -14.52 9.57 1.51
N MET D 217 -15.81 9.27 1.52
CA MET D 217 -16.66 9.57 0.35
C MET D 217 -16.67 11.08 0.03
N TYR D 218 -16.30 11.92 1.00
CA TYR D 218 -16.27 13.35 0.78
C TYR D 218 -14.95 13.85 0.19
N ASN D 219 -13.95 12.96 0.05
CA ASN D 219 -12.65 13.38 -0.44
C ASN D 219 -12.57 13.97 -1.86
N ASP D 220 -13.64 13.86 -2.63
CA ASP D 220 -13.61 14.42 -3.98
C ASP D 220 -13.83 15.92 -3.93
N ASN D 221 -14.20 16.42 -2.76
CA ASN D 221 -14.39 17.85 -2.54
C ASN D 221 -15.40 18.46 -3.52
N LYS D 222 -16.44 17.69 -3.83
CA LYS D 222 -17.48 18.14 -4.73
C LYS D 222 -18.18 19.41 -4.24
N THR D 223 -18.22 20.42 -5.10
CA THR D 223 -18.90 21.67 -4.77
C THR D 223 -20.11 21.87 -5.69
N VAL D 224 -21.12 22.58 -5.20
CA VAL D 224 -22.31 22.87 -5.98
C VAL D 224 -22.66 24.33 -5.79
N ASP D 225 -23.46 24.86 -6.72
CA ASP D 225 -23.90 26.25 -6.67
C ASP D 225 -25.07 26.34 -5.70
N SER D 226 -24.83 26.95 -4.56
CA SER D 226 -25.85 27.05 -3.53
C SER D 226 -27.17 27.71 -3.91
N LYS D 227 -27.13 28.70 -4.79
CA LYS D 227 -28.38 29.38 -5.18
C LYS D 227 -29.31 28.53 -6.05
N SER D 228 -28.77 27.49 -6.70
CA SER D 228 -29.61 26.67 -7.56
C SER D 228 -29.69 25.16 -7.28
N VAL D 229 -28.78 24.63 -6.48
CA VAL D 229 -28.80 23.21 -6.16
C VAL D 229 -30.04 22.84 -5.34
N LYS D 230 -30.52 21.62 -5.53
CA LYS D 230 -31.68 21.13 -4.79
C LYS D 230 -31.29 19.83 -4.10
N ILE D 231 -31.82 19.60 -2.90
CA ILE D 231 -31.50 18.41 -2.13
C ILE D 231 -32.71 17.55 -1.79
N GLU D 232 -32.57 16.24 -1.96
CA GLU D 232 -33.64 15.31 -1.61
C GLU D 232 -33.09 14.23 -0.68
N VAL D 233 -33.77 14.01 0.44
CA VAL D 233 -33.37 12.97 1.37
C VAL D 233 -34.44 11.90 1.28
N HIS D 234 -34.05 10.72 0.78
CA HIS D 234 -34.98 9.60 0.64
C HIS D 234 -34.78 8.52 1.71
N LEU D 235 -35.77 8.36 2.57
CA LEU D 235 -35.72 7.38 3.66
C LEU D 235 -36.82 6.32 3.54
N THR D 236 -36.59 5.16 4.16
CA THR D 236 -37.62 4.10 4.18
C THR D 236 -37.61 3.49 5.57
N THR D 237 -38.77 3.04 6.02
CA THR D 237 -38.88 2.40 7.32
C THR D 237 -38.96 0.92 7.01
N LYS D 238 -38.64 0.08 7.99
CA LYS D 238 -38.67 -1.36 7.79
C LYS D 238 -40.05 -1.76 7.26
N ASN D 239 -41.08 -1.06 7.73
CA ASN D 239 -42.46 -1.33 7.35
C ASN D 239 -43.13 -0.08 6.75
N GLY D 240 -43.70 0.73 7.64
CA GLY D 240 -44.37 1.95 7.23
C GLY D 240 -44.64 2.88 8.41
#